data_6UC9
#
_entry.id   6UC9
#
_cell.length_a   133.468
_cell.length_b   35.171
_cell.length_c   41.889
_cell.angle_alpha   90.00
_cell.angle_beta   91.55
_cell.angle_gamma   90.00
#
_symmetry.space_group_name_H-M   'C 1 2 1'
#
loop_
_entity.id
_entity.type
_entity.pdbx_description
1 polymer 'Guanine riboswitch'
2 non-polymer 'COBALT HEXAMMINE(III)'
3 non-polymer 'ACETATE ION'
4 non-polymer '6-O-CYCLOHEXYLMETHYL GUANINE'
5 water water
#
_entity_poly.entity_id   1
_entity_poly.type   'polyribonucleotide'
_entity_poly.pdbx_seq_one_letter_code
;GGACAUAUAAUCGCGUGGAUAUGGCACGCAAGUUUCUACCGGGCACCGUAAAUGUCCGACUAUGUCC
;
_entity_poly.pdbx_strand_id   B
#
loop_
_chem_comp.id
_chem_comp.type
_chem_comp.name
_chem_comp.formula
A RNA linking ADENOSINE-5'-MONOPHOSPHATE 'C10 H14 N5 O7 P'
ACT non-polymer 'ACETATE ION' 'C2 H3 O2 -1'
C RNA linking CYTIDINE-5'-MONOPHOSPHATE 'C9 H14 N3 O8 P'
CMG non-polymer '6-O-CYCLOHEXYLMETHYL GUANINE' 'C12 H17 N5 O'
G RNA linking GUANOSINE-5'-MONOPHOSPHATE 'C10 H14 N5 O8 P'
NCO non-polymer 'COBALT HEXAMMINE(III)' 'Co H18 N6 3'
U RNA linking URIDINE-5'-MONOPHOSPHATE 'C9 H13 N2 O9 P'
#
# COMPACT_ATOMS: atom_id res chain seq x y z
CO NCO B . -8.24 -2.86 -1.73
N1 NCO B . -6.58 -3.17 -2.78
N2 NCO B . -9.86 -2.55 -0.65
N3 NCO B . -9.40 -3.14 -3.33
N4 NCO B . -8.11 -0.93 -2.14
N5 NCO B . -7.13 -2.57 -0.12
N6 NCO B . -8.30 -4.81 -1.32
CO NCO C . 1.43 -13.37 0.48
N1 NCO C . 2.86 -14.62 1.07
N2 NCO C . -0.04 -12.14 -0.02
N3 NCO C . 1.16 -14.39 -1.20
N4 NCO C . 2.70 -12.24 -0.55
N5 NCO C . 1.72 -12.27 2.11
N6 NCO C . 0.11 -14.50 1.42
CO NCO D . -13.30 0.53 5.71
N1 NCO D . -11.82 -0.80 5.82
N2 NCO D . -14.81 1.83 5.60
N3 NCO D . -14.05 -0.48 4.17
N4 NCO D . -12.23 1.64 4.45
N5 NCO D . -12.52 1.57 7.20
N6 NCO D . -14.36 -0.59 6.96
CO NCO E . -1.79 -12.47 10.13
N1 NCO E . -0.34 -12.98 8.88
N2 NCO E . -3.34 -12.01 11.34
N3 NCO E . -3.07 -13.49 8.98
N4 NCO E . -2.10 -10.86 9.02
N5 NCO E . -0.51 -11.47 11.28
N6 NCO E . -1.43 -14.07 11.23
CO NCO F . -0.09 3.88 8.16
N1 NCO F . 1.75 3.23 7.78
N2 NCO F . -1.93 4.52 8.52
N3 NCO F . -0.05 5.03 6.55
N4 NCO F . 0.68 5.36 9.24
N5 NCO F . -0.10 2.72 9.78
N6 NCO F . -0.86 2.38 7.11
CO NCO G . 13.11 5.94 3.72
N1 NCO G . 14.98 5.63 4.33
N2 NCO G . 11.26 6.23 3.10
N3 NCO G . 13.72 5.90 1.82
N4 NCO G . 13.36 7.91 3.78
N5 NCO G . 12.50 5.96 5.60
N6 NCO G . 12.87 3.97 3.64
CO NCO H . -1.06 1.19 -13.04
N1 NCO H . 0.78 0.90 -13.71
N2 NCO H . -2.92 1.46 -12.39
N3 NCO H . -1.68 -0.36 -14.12
N4 NCO H . -1.42 2.42 -14.55
N5 NCO H . -0.43 2.74 -11.97
N6 NCO H . -0.71 -0.02 -11.51
C ACT I . -7.07 -9.62 5.69
O ACT I . -6.32 -10.03 6.63
OXT ACT I . -8.13 -8.93 5.77
CH3 ACT I . -6.61 -10.05 4.22
N1 CMG J . 4.88 9.86 -4.95
C2 CMG J . 5.44 10.31 -3.83
N3 CMG J . 6.72 10.15 -3.54
C4 CMG J . 7.53 9.50 -4.42
C5 CMG J . 6.98 9.02 -5.58
C6 CMG J . 5.59 9.21 -5.87
O6 CMG J . 5.01 8.70 -7.07
C9 CMG J . 4.39 9.62 -7.91
N7 CMG J . 8.01 8.43 -6.26
C8 CMG J . 9.13 8.53 -5.54
N9 CMG J . 8.84 9.19 -4.42
N2 CMG J . 4.60 11.02 -2.85
C10 CMG J . 3.69 9.02 -9.17
C11 CMG J . 2.27 8.48 -8.89
C12 CMG J . 2.17 7.04 -8.37
C13 CMG J . 3.46 6.25 -8.25
C14 CMG J . 4.46 6.57 -9.36
C15 CMG J . 4.56 8.00 -9.93
#